data_4WZY
#
_entry.id   4WZY
#
_cell.length_a   62.991
_cell.length_b   73.767
_cell.length_c   107.426
_cell.angle_alpha   90.00
_cell.angle_beta   90.00
_cell.angle_gamma   90.00
#
_symmetry.space_group_name_H-M   'P 2 2 21'
#
loop_
_entity.id
_entity.type
_entity.pdbx_description
1 polymer Maltokinase
2 non-polymer 'MAGNESIUM ION'
3 non-polymer "ADENOSINE-5'-TRIPHOSPHATE"
4 water water
#
_entity_poly.entity_id   1
_entity_poly.type   'polypeptide(L)'
_entity_poly.pdbx_seq_one_letter_code
;MTLAFGDWIVHRRWYAGRSRELVSAEPAVVTPLRDDLDHILLDVTYTDGTVERYQLVVRWADSPVAGFGEAATIGTALGP
QGERIAYDALFDPDAARHLLRLVDASATVADLRFTREPGATLPLYAPPKVSSAEQSNTSVIFGKDAMLKVFRRVTPGINP
DIELNRVLAQAGNRHVARLLGSFETSWAGPGTDRCALGMVTAFAANSAEGWDMATASAREMFADVVGSDFADESYRLGNA
VASVHATLAEALGTSTEPFPVDTVLARLQSAARSAPELAGRAAAVEERYRRLDGRAITVQRVHGDLHLGQVLRTPDDWLL
IDFEGEPGQPLDERRRPDSPLRDVAGVLRSFEYAAYQKLVELAPEQDADGRLADRARNWVDRNSAAFCAGYAAVAGDDPR
RDGDVLAAYELDKAVYEAAYEARFRPSWLPIPMRSIDRILGKLAAALEHHHHHH
;
_entity_poly.pdbx_strand_id   A
#
# COMPACT_ATOMS: atom_id res chain seq x y z
N THR A 2 15.72 10.96 -29.74
CA THR A 2 15.58 12.34 -29.29
C THR A 2 14.12 12.74 -29.15
N LEU A 3 13.62 12.66 -27.91
CA LEU A 3 12.28 13.09 -27.58
C LEU A 3 12.33 14.12 -26.47
N ALA A 4 11.41 15.08 -26.49
CA ALA A 4 11.29 16.03 -25.40
C ALA A 4 10.59 15.37 -24.21
N PHE A 5 11.27 14.38 -23.62
CA PHE A 5 10.75 13.67 -22.45
C PHE A 5 10.42 14.62 -21.30
N GLY A 6 11.31 15.58 -21.06
CA GLY A 6 11.14 16.52 -19.97
C GLY A 6 9.85 17.32 -20.05
N ASP A 7 9.53 17.81 -21.24
CA ASP A 7 8.32 18.60 -21.44
C ASP A 7 7.05 17.79 -21.17
N TRP A 8 7.10 16.50 -21.45
CA TRP A 8 5.95 15.62 -21.30
C TRP A 8 5.76 15.13 -19.87
N ILE A 9 6.86 14.70 -19.24
CA ILE A 9 6.76 14.00 -17.97
C ILE A 9 6.25 14.90 -16.82
N VAL A 10 6.51 16.21 -16.89
CA VAL A 10 6.16 17.08 -15.78
C VAL A 10 4.64 17.23 -15.60
N HIS A 11 3.88 16.84 -16.62
CA HIS A 11 2.43 16.97 -16.59
C HIS A 11 1.70 15.70 -16.15
N ARG A 12 2.47 14.66 -15.82
CA ARG A 12 1.88 13.37 -15.48
C ARG A 12 1.64 13.23 -13.98
N ARG A 13 0.51 12.61 -13.61
CA ARG A 13 0.12 12.50 -12.21
C ARG A 13 1.01 11.54 -11.43
N TRP A 14 1.78 10.72 -12.14
CA TRP A 14 2.70 9.79 -11.49
C TRP A 14 4.11 10.37 -11.40
N TYR A 15 4.30 11.57 -11.92
CA TYR A 15 5.59 12.24 -11.86
C TYR A 15 5.78 12.88 -10.51
N ALA A 16 6.93 12.65 -9.89
CA ALA A 16 7.14 13.06 -8.51
C ALA A 16 8.17 14.17 -8.35
N GLY A 17 8.39 14.94 -9.40
CA GLY A 17 9.35 16.03 -9.36
C GLY A 17 8.88 17.16 -8.49
N ARG A 18 7.59 17.12 -8.12
CA ARG A 18 6.97 18.12 -7.25
C ARG A 18 7.18 19.53 -7.79
N SER A 19 7.82 20.38 -7.00
CA SER A 19 8.01 21.78 -7.37
C SER A 19 9.41 22.06 -7.90
N ARG A 20 10.13 21.00 -8.29
CA ARG A 20 11.55 21.12 -8.59
C ARG A 20 11.88 21.42 -10.05
N GLU A 21 13.05 22.00 -10.27
CA GLU A 21 13.58 22.27 -11.60
C GLU A 21 14.39 21.09 -12.09
N LEU A 22 14.00 20.49 -13.21
CA LEU A 22 14.78 19.39 -13.76
C LEU A 22 15.88 19.95 -14.66
N VAL A 23 17.06 19.35 -14.56
CA VAL A 23 18.19 19.74 -15.38
C VAL A 23 18.10 19.02 -16.71
N SER A 24 17.79 17.73 -16.64
CA SER A 24 17.70 16.91 -17.84
C SER A 24 16.78 15.71 -17.62
N ALA A 25 16.30 15.15 -18.72
CA ALA A 25 15.54 13.91 -18.71
C ALA A 25 15.96 13.09 -19.92
N GLU A 26 16.81 12.10 -19.68
CA GLU A 26 17.47 11.36 -20.75
C GLU A 26 17.37 9.85 -20.57
N PRO A 27 17.23 9.12 -21.69
CA PRO A 27 17.22 7.66 -21.60
C PRO A 27 18.58 7.09 -21.18
N ALA A 28 18.61 6.37 -20.07
CA ALA A 28 19.80 5.66 -19.64
C ALA A 28 19.96 4.36 -20.43
N VAL A 29 18.85 3.67 -20.65
CA VAL A 29 18.86 2.42 -21.39
C VAL A 29 17.65 2.36 -22.32
N VAL A 30 17.88 2.03 -23.58
CA VAL A 30 16.79 1.80 -24.51
C VAL A 30 16.83 0.35 -24.98
N THR A 31 15.74 -0.38 -24.78
CA THR A 31 15.65 -1.78 -25.19
C THR A 31 14.50 -2.00 -26.16
N PRO A 32 14.84 -2.29 -27.42
CA PRO A 32 13.80 -2.58 -28.42
C PRO A 32 13.05 -3.85 -28.06
N LEU A 33 11.73 -3.81 -28.11
CA LEU A 33 10.91 -4.98 -27.90
C LEU A 33 10.32 -5.43 -29.24
N ARG A 34 10.06 -4.44 -30.09
CA ARG A 34 9.57 -4.68 -31.45
C ARG A 34 10.06 -3.54 -32.33
N ASP A 35 9.82 -3.65 -33.64
CA ASP A 35 10.15 -2.61 -34.59
C ASP A 35 9.60 -1.25 -34.17
N ASP A 36 8.41 -1.25 -33.57
CA ASP A 36 7.70 -0.02 -33.24
C ASP A 36 7.49 0.13 -31.73
N LEU A 37 8.29 -0.58 -30.94
CA LEU A 37 8.11 -0.62 -29.50
C LEU A 37 9.43 -0.61 -28.75
N ASP A 38 9.66 0.43 -27.95
CA ASP A 38 10.88 0.54 -27.14
C ASP A 38 10.58 0.60 -25.66
N HIS A 39 11.37 -0.15 -24.88
CA HIS A 39 11.33 -0.02 -23.45
C HIS A 39 12.43 0.96 -23.03
N ILE A 40 12.06 1.95 -22.22
CA ILE A 40 12.98 3.02 -21.86
C ILE A 40 13.10 3.19 -20.35
N LEU A 41 14.34 3.16 -19.86
CA LEU A 41 14.67 3.64 -18.51
C LEU A 41 15.10 5.09 -18.64
N LEU A 42 14.35 5.99 -18.02
CA LEU A 42 14.58 7.42 -18.22
C LEU A 42 15.11 8.07 -16.94
N ASP A 43 16.29 8.67 -17.02
CA ASP A 43 16.87 9.33 -15.85
C ASP A 43 16.58 10.83 -15.83
N VAL A 44 15.90 11.27 -14.78
CA VAL A 44 15.63 12.69 -14.55
C VAL A 44 16.59 13.24 -13.50
N THR A 45 17.40 14.22 -13.89
CA THR A 45 18.39 14.80 -13.00
C THR A 45 17.96 16.18 -12.54
N TYR A 46 18.07 16.43 -11.24
CA TYR A 46 17.67 17.70 -10.67
C TYR A 46 18.89 18.57 -10.35
N THR A 47 18.67 19.81 -9.93
CA THR A 47 19.76 20.76 -9.77
C THR A 47 20.69 20.41 -8.61
N ASP A 48 20.18 19.68 -7.62
CA ASP A 48 21.02 19.27 -6.49
C ASP A 48 21.85 18.04 -6.84
N GLY A 49 21.69 17.54 -8.06
CA GLY A 49 22.45 16.41 -8.54
C GLY A 49 21.76 15.07 -8.33
N THR A 50 20.58 15.11 -7.70
CA THR A 50 19.78 13.91 -7.50
C THR A 50 19.31 13.37 -8.85
N VAL A 51 19.28 12.05 -8.98
CA VAL A 51 18.72 11.40 -10.17
C VAL A 51 17.57 10.48 -9.78
N GLU A 52 16.46 10.60 -10.51
CA GLU A 52 15.31 9.71 -10.33
C GLU A 52 15.04 9.01 -11.66
N ARG A 53 14.86 7.69 -11.60
CA ARG A 53 14.66 6.91 -12.82
C ARG A 53 13.19 6.54 -13.01
N TYR A 54 12.71 6.70 -14.23
CA TYR A 54 11.34 6.31 -14.56
C TYR A 54 11.33 5.27 -15.69
N GLN A 55 10.34 4.38 -15.63
CA GLN A 55 10.16 3.39 -16.69
C GLN A 55 9.11 3.86 -17.68
N LEU A 56 9.46 3.85 -18.96
CA LEU A 56 8.56 4.22 -20.04
C LEU A 56 8.54 3.12 -21.08
N VAL A 57 7.38 2.86 -21.67
CA VAL A 57 7.34 2.00 -22.84
C VAL A 57 6.74 2.82 -23.98
N VAL A 58 7.48 2.91 -25.09
CA VAL A 58 7.12 3.79 -26.18
C VAL A 58 6.65 3.02 -27.40
N ARG A 59 5.45 3.36 -27.87
CA ARG A 59 4.92 2.83 -29.11
C ARG A 59 5.05 3.89 -30.20
N TRP A 60 5.71 3.52 -31.30
CA TRP A 60 5.91 4.46 -32.40
C TRP A 60 4.89 4.27 -33.50
N ALA A 61 4.45 5.36 -34.11
CA ALA A 61 3.60 5.28 -35.30
C ALA A 61 4.09 6.26 -36.36
N ASP A 62 3.94 5.88 -37.63
CA ASP A 62 4.34 6.74 -38.76
C ASP A 62 3.25 7.77 -39.06
N SER A 63 2.11 7.61 -38.39
CA SER A 63 0.97 8.49 -38.54
C SER A 63 0.17 8.47 -37.25
N PRO A 64 -0.42 9.62 -36.88
CA PRO A 64 -1.19 9.72 -35.63
C PRO A 64 -2.33 8.71 -35.50
N VAL A 65 -2.28 7.94 -34.41
CA VAL A 65 -3.34 7.00 -34.06
C VAL A 65 -4.37 7.71 -33.18
N ALA A 66 -5.63 7.68 -33.61
CA ALA A 66 -6.70 8.41 -32.95
C ALA A 66 -6.99 7.92 -31.53
N GLY A 67 -6.72 6.64 -31.28
CA GLY A 67 -7.05 6.02 -30.01
C GLY A 67 -6.37 6.61 -28.80
N PHE A 68 -5.20 7.23 -29.02
CA PHE A 68 -4.41 7.77 -27.92
C PHE A 68 -4.85 9.19 -27.51
N GLY A 69 -4.89 9.43 -26.20
CA GLY A 69 -5.22 10.74 -25.69
C GLY A 69 -4.02 11.66 -25.65
N GLU A 70 -4.17 12.78 -24.93
CA GLU A 70 -3.13 13.79 -24.84
C GLU A 70 -1.97 13.34 -23.93
N ALA A 71 -2.30 12.79 -22.77
CA ALA A 71 -1.30 12.35 -21.80
C ALA A 71 -0.51 11.14 -22.30
N ALA A 72 -1.04 10.48 -23.34
CA ALA A 72 -0.38 9.33 -23.93
C ALA A 72 0.52 9.77 -25.09
N THR A 73 0.48 11.05 -25.42
CA THR A 73 1.25 11.56 -26.54
C THR A 73 2.56 12.17 -26.03
N ILE A 74 3.66 11.45 -26.20
CA ILE A 74 4.94 11.87 -25.62
C ILE A 74 5.60 12.95 -26.46
N GLY A 75 5.69 12.73 -27.77
CA GLY A 75 6.35 13.68 -28.64
C GLY A 75 6.58 13.11 -30.03
N THR A 76 7.45 13.74 -30.79
CA THR A 76 7.72 13.29 -32.15
C THR A 76 9.22 13.22 -32.41
N ALA A 77 9.60 12.44 -33.41
CA ALA A 77 11.01 12.29 -33.77
C ALA A 77 11.15 11.79 -35.20
N LEU A 78 12.28 12.12 -35.82
CA LEU A 78 12.63 11.57 -37.13
C LEU A 78 13.22 10.18 -36.98
N GLY A 79 12.72 9.25 -37.78
CA GLY A 79 13.24 7.89 -37.77
C GLY A 79 13.72 7.47 -39.14
N PRO A 80 14.18 6.22 -39.26
CA PRO A 80 14.73 5.68 -40.51
C PRO A 80 13.73 5.64 -41.67
N GLN A 81 12.42 5.69 -41.39
CA GLN A 81 11.43 5.70 -42.47
C GLN A 81 10.68 7.02 -42.55
N GLY A 82 11.06 7.98 -41.73
CA GLY A 82 10.45 9.30 -41.75
C GLY A 82 10.03 9.74 -40.37
N GLU A 83 9.10 10.69 -40.31
CA GLU A 83 8.61 11.19 -39.03
C GLU A 83 7.83 10.11 -38.28
N ARG A 84 8.00 10.05 -36.96
CA ARG A 84 7.21 9.15 -36.13
C ARG A 84 6.70 9.87 -34.90
N ILE A 85 5.55 9.44 -34.42
CA ILE A 85 4.99 9.92 -33.16
C ILE A 85 5.23 8.89 -32.07
N ALA A 86 5.64 9.37 -30.90
CA ALA A 86 5.83 8.50 -29.75
C ALA A 86 4.63 8.55 -28.82
N TYR A 87 4.00 7.40 -28.61
CA TYR A 87 2.91 7.28 -27.66
C TYR A 87 3.32 6.46 -26.45
N ASP A 88 2.64 6.71 -25.32
CA ASP A 88 2.76 5.84 -24.15
C ASP A 88 2.10 4.50 -24.46
N ALA A 89 2.92 3.46 -24.61
CA ALA A 89 2.45 2.18 -25.11
C ALA A 89 1.50 1.46 -24.15
N LEU A 90 1.53 1.84 -22.88
CA LEU A 90 0.66 1.18 -21.92
C LEU A 90 -0.82 1.46 -22.24
N PHE A 91 -1.09 2.46 -23.06
CA PHE A 91 -2.47 2.76 -23.47
C PHE A 91 -2.82 2.10 -24.79
N ASP A 92 -1.88 1.33 -25.33
CA ASP A 92 -2.08 0.54 -26.53
C ASP A 92 -2.40 -0.91 -26.12
N PRO A 93 -3.59 -1.41 -26.49
CA PRO A 93 -3.94 -2.79 -26.09
C PRO A 93 -2.92 -3.82 -26.60
N ASP A 94 -2.44 -3.61 -27.82
CA ASP A 94 -1.49 -4.51 -28.45
CA ASP A 94 -1.51 -4.52 -28.44
C ASP A 94 -0.15 -4.55 -27.73
N ALA A 95 0.33 -3.37 -27.32
CA ALA A 95 1.61 -3.29 -26.63
C ALA A 95 1.52 -3.91 -25.24
N ALA A 96 0.43 -3.63 -24.53
CA ALA A 96 0.20 -4.21 -23.21
C ALA A 96 0.15 -5.74 -23.29
N ARG A 97 -0.55 -6.26 -24.31
CA ARG A 97 -0.60 -7.70 -24.53
C ARG A 97 0.78 -8.28 -24.78
N HIS A 98 1.61 -7.56 -25.54
CA HIS A 98 2.98 -7.99 -25.80
C HIS A 98 3.79 -8.12 -24.52
N LEU A 99 3.66 -7.16 -23.61
CA LEU A 99 4.33 -7.28 -22.32
C LEU A 99 3.86 -8.51 -21.58
N LEU A 100 2.55 -8.74 -21.58
CA LEU A 100 1.98 -9.89 -20.86
C LEU A 100 2.52 -11.17 -21.47
N ARG A 101 2.70 -11.18 -22.78
CA ARG A 101 3.23 -12.36 -23.45
C ARG A 101 4.70 -12.60 -23.09
N LEU A 102 5.47 -11.52 -22.91
CA LEU A 102 6.86 -11.68 -22.49
C LEU A 102 6.92 -12.28 -21.08
N VAL A 103 6.01 -11.83 -20.22
CA VAL A 103 5.89 -12.43 -18.88
C VAL A 103 5.54 -13.91 -18.97
N ASP A 104 4.55 -14.23 -19.80
CA ASP A 104 4.11 -15.62 -19.92
C ASP A 104 5.23 -16.56 -20.37
N ALA A 105 6.11 -16.07 -21.23
CA ALA A 105 7.17 -16.89 -21.79
C ALA A 105 8.43 -16.89 -20.93
N SER A 106 8.41 -16.14 -19.83
CA SER A 106 9.60 -15.92 -19.01
C SER A 106 10.76 -15.49 -19.89
N ALA A 107 10.48 -14.54 -20.76
CA ALA A 107 11.43 -14.07 -21.76
C ALA A 107 12.59 -13.28 -21.14
N THR A 108 13.74 -13.33 -21.80
CA THR A 108 14.85 -12.43 -21.51
C THR A 108 15.15 -11.59 -22.75
N VAL A 109 15.01 -10.27 -22.63
CA VAL A 109 15.31 -9.36 -23.74
C VAL A 109 16.41 -8.40 -23.29
N ALA A 110 17.60 -8.57 -23.85
CA ALA A 110 18.77 -7.82 -23.41
C ALA A 110 18.91 -7.95 -21.88
N ASP A 111 18.88 -6.82 -21.18
CA ASP A 111 19.00 -6.82 -19.72
C ASP A 111 17.63 -6.80 -19.02
N LEU A 112 16.57 -7.15 -19.75
CA LEU A 112 15.24 -7.26 -19.17
C LEU A 112 14.89 -8.71 -18.89
N ARG A 113 14.53 -9.02 -17.65
CA ARG A 113 14.18 -10.40 -17.32
C ARG A 113 12.73 -10.52 -16.86
N PHE A 114 11.97 -11.31 -17.62
CA PHE A 114 10.56 -11.57 -17.34
C PHE A 114 10.43 -12.95 -16.73
N THR A 115 9.54 -13.11 -15.77
CA THR A 115 9.30 -14.44 -15.20
CA THR A 115 9.33 -14.39 -15.08
C THR A 115 7.83 -14.71 -14.90
N ARG A 116 7.38 -15.89 -15.35
CA ARG A 116 6.05 -16.37 -15.02
C ARG A 116 6.14 -17.26 -13.78
N GLU A 117 5.28 -17.04 -12.79
CA GLU A 117 5.27 -17.89 -11.59
C GLU A 117 4.93 -19.32 -11.99
N PRO A 118 5.59 -20.31 -11.37
CA PRO A 118 5.40 -21.69 -11.80
C PRO A 118 3.94 -22.15 -11.68
N GLY A 119 3.43 -22.78 -12.74
CA GLY A 119 2.07 -23.28 -12.73
C GLY A 119 0.98 -22.24 -13.00
N ALA A 120 1.38 -20.97 -13.15
CA ALA A 120 0.40 -19.92 -13.39
C ALA A 120 -0.05 -19.87 -14.86
N THR A 121 -1.26 -19.37 -15.06
CA THR A 121 -1.83 -19.15 -16.39
C THR A 121 -2.15 -17.66 -16.55
N LEU A 122 -1.71 -17.07 -17.66
CA LEU A 122 -1.96 -15.65 -17.92
C LEU A 122 -3.02 -15.51 -19.01
N PRO A 123 -3.91 -14.51 -18.87
CA PRO A 123 -5.03 -14.35 -19.78
C PRO A 123 -4.64 -13.61 -21.07
N LEU A 124 -3.87 -14.27 -21.94
CA LEU A 124 -3.34 -13.60 -23.11
C LEU A 124 -4.46 -13.19 -24.07
N TYR A 125 -5.63 -13.81 -23.94
CA TYR A 125 -6.77 -13.53 -24.84
C TYR A 125 -7.62 -12.34 -24.43
N ALA A 126 -7.53 -11.93 -23.18
CA ALA A 126 -8.52 -11.01 -22.61
C ALA A 126 -8.27 -9.56 -23.02
N PRO A 127 -9.35 -8.77 -23.12
CA PRO A 127 -9.16 -7.37 -23.54
C PRO A 127 -8.47 -6.53 -22.47
N PRO A 128 -7.36 -5.87 -22.84
CA PRO A 128 -6.63 -5.00 -21.92
C PRO A 128 -7.29 -3.63 -21.84
N LYS A 129 -7.45 -3.13 -20.62
CA LYS A 129 -8.05 -1.83 -20.37
C LYS A 129 -7.24 -1.11 -19.28
N VAL A 130 -6.77 0.09 -19.56
CA VAL A 130 -5.99 0.83 -18.58
C VAL A 130 -6.87 1.27 -17.42
N SER A 131 -6.39 1.05 -16.20
CA SER A 131 -7.13 1.43 -15.00
C SER A 131 -6.93 2.91 -14.70
N SER A 132 -8.03 3.63 -14.51
CA SER A 132 -7.96 5.04 -14.12
C SER A 132 -7.63 5.12 -12.63
N ALA A 133 -7.94 4.04 -11.92
CA ALA A 133 -7.79 3.97 -10.47
C ALA A 133 -6.32 4.02 -10.02
N GLU A 134 -5.43 3.41 -10.80
CA GLU A 134 -4.00 3.45 -10.48
C GLU A 134 -3.48 4.87 -10.64
N GLN A 135 -2.78 5.35 -9.62
CA GLN A 135 -2.33 6.75 -9.56
C GLN A 135 -0.82 6.90 -9.75
N SER A 136 -0.05 6.23 -8.90
CA SER A 136 1.41 6.39 -8.90
C SER A 136 2.13 5.42 -9.85
N ASN A 137 1.51 4.28 -10.15
CA ASN A 137 1.98 3.39 -11.20
C ASN A 137 0.93 3.32 -12.31
N THR A 138 1.08 2.41 -13.26
CA THR A 138 0.07 2.25 -14.30
C THR A 138 -0.40 0.79 -14.32
N SER A 139 -1.70 0.58 -14.19
CA SER A 139 -2.25 -0.77 -14.17
C SER A 139 -3.13 -1.04 -15.38
N VAL A 140 -2.90 -2.18 -16.01
CA VAL A 140 -3.70 -2.60 -17.16
C VAL A 140 -4.43 -3.88 -16.77
N ILE A 141 -5.75 -3.85 -16.85
CA ILE A 141 -6.55 -4.97 -16.43
C ILE A 141 -6.98 -5.78 -17.65
N PHE A 142 -6.67 -7.06 -17.63
CA PHE A 142 -6.97 -7.94 -18.76
C PHE A 142 -8.27 -8.66 -18.46
N GLY A 143 -9.35 -8.23 -19.12
CA GLY A 143 -10.67 -8.81 -18.93
C GLY A 143 -11.04 -8.77 -17.47
N LYS A 144 -11.44 -9.92 -16.93
CA LYS A 144 -11.67 -10.03 -15.49
C LYS A 144 -10.68 -11.00 -14.87
N ASP A 145 -9.53 -11.18 -15.49
CA ASP A 145 -8.65 -12.28 -15.10
C ASP A 145 -7.33 -11.86 -14.44
N ALA A 146 -6.70 -10.80 -14.92
CA ALA A 146 -5.41 -10.41 -14.37
C ALA A 146 -5.14 -8.94 -14.49
N MET A 147 -4.26 -8.45 -13.63
CA MET A 147 -3.86 -7.07 -13.63
C MET A 147 -2.36 -6.99 -13.83
N LEU A 148 -1.95 -6.24 -14.84
CA LEU A 148 -0.55 -5.95 -15.09
C LEU A 148 -0.23 -4.58 -14.51
N LYS A 149 0.64 -4.54 -13.52
CA LYS A 149 1.05 -3.27 -12.94
C LYS A 149 2.47 -2.95 -13.39
N VAL A 150 2.64 -1.79 -14.02
CA VAL A 150 3.94 -1.39 -14.54
C VAL A 150 4.41 -0.21 -13.71
N PHE A 151 5.54 -0.37 -13.02
CA PHE A 151 6.02 0.66 -12.11
C PHE A 151 6.50 1.88 -12.89
N ARG A 152 6.17 3.08 -12.42
CA ARG A 152 6.65 4.28 -13.07
C ARG A 152 8.02 4.67 -12.52
N ARG A 153 8.07 5.14 -11.29
CA ARG A 153 9.36 5.38 -10.62
C ARG A 153 9.99 4.03 -10.25
N VAL A 154 11.23 3.80 -10.67
CA VAL A 154 11.91 2.55 -10.33
C VAL A 154 13.18 2.77 -9.52
N THR A 155 13.44 1.84 -8.61
CA THR A 155 14.49 1.99 -7.61
C THR A 155 15.18 0.64 -7.43
N PRO A 156 16.44 0.65 -6.94
CA PRO A 156 17.16 -0.62 -6.81
C PRO A 156 16.80 -1.40 -5.55
N GLY A 157 16.89 -2.72 -5.62
CA GLY A 157 16.70 -3.56 -4.46
C GLY A 157 15.52 -4.49 -4.61
N ILE A 158 15.24 -5.25 -3.56
CA ILE A 158 14.12 -6.16 -3.57
C ILE A 158 12.79 -5.42 -3.38
N ASN A 159 11.86 -5.60 -4.31
CA ASN A 159 10.52 -5.01 -4.17
C ASN A 159 9.67 -5.81 -3.18
N PRO A 160 9.27 -5.20 -2.05
CA PRO A 160 8.53 -5.99 -1.05
C PRO A 160 7.15 -6.46 -1.52
N ASP A 161 6.51 -5.72 -2.43
CA ASP A 161 5.19 -6.12 -2.89
C ASP A 161 5.30 -7.43 -3.67
N ILE A 162 6.27 -7.49 -4.59
CA ILE A 162 6.48 -8.72 -5.34
C ILE A 162 6.99 -9.83 -4.42
N GLU A 163 7.93 -9.46 -3.58
CA GLU A 163 8.58 -10.41 -2.69
C GLU A 163 7.60 -11.15 -1.79
N LEU A 164 6.76 -10.40 -1.07
CA LEU A 164 5.87 -11.00 -0.09
C LEU A 164 4.67 -11.67 -0.79
N ASN A 165 4.19 -11.11 -1.91
CA ASN A 165 3.16 -11.82 -2.65
C ASN A 165 3.67 -13.15 -3.19
N ARG A 166 4.94 -13.22 -3.60
CA ARG A 166 5.47 -14.50 -4.11
C ARG A 166 5.54 -15.53 -2.98
N VAL A 167 6.04 -15.11 -1.82
CA VAL A 167 6.10 -16.00 -0.67
C VAL A 167 4.69 -16.56 -0.36
N LEU A 168 3.70 -15.69 -0.31
CA LEU A 168 2.35 -16.08 0.07
C LEU A 168 1.71 -17.01 -0.97
N ALA A 169 1.86 -16.67 -2.25
CA ALA A 169 1.30 -17.49 -3.31
C ALA A 169 1.95 -18.87 -3.39
N GLN A 170 3.28 -18.90 -3.28
CA GLN A 170 3.99 -20.16 -3.42
C GLN A 170 3.76 -21.07 -2.21
N ALA A 171 3.39 -20.47 -1.08
CA ALA A 171 3.03 -21.27 0.08
C ALA A 171 1.58 -21.72 0.07
N GLY A 172 0.82 -21.26 -0.92
CA GLY A 172 -0.59 -21.61 -1.04
C GLY A 172 -1.52 -20.86 -0.09
N ASN A 173 -1.10 -19.69 0.39
CA ASN A 173 -2.00 -18.88 1.20
C ASN A 173 -3.14 -18.31 0.33
N ARG A 174 -4.39 -18.45 0.77
CA ARG A 174 -5.47 -18.06 -0.11
C ARG A 174 -5.94 -16.62 0.11
N HIS A 175 -5.23 -15.87 0.95
CA HIS A 175 -5.66 -14.52 1.28
C HIS A 175 -4.82 -13.47 0.57
N VAL A 176 -4.49 -13.75 -0.69
CA VAL A 176 -3.81 -12.79 -1.54
C VAL A 176 -4.45 -12.81 -2.93
N ALA A 177 -4.28 -11.73 -3.66
CA ALA A 177 -4.53 -11.75 -5.10
C ALA A 177 -3.26 -12.29 -5.72
N ARG A 178 -3.33 -13.53 -6.19
CA ARG A 178 -2.11 -14.31 -6.48
C ARG A 178 -1.18 -13.69 -7.51
N LEU A 179 0.12 -13.64 -7.17
CA LEU A 179 1.15 -13.23 -8.11
C LEU A 179 1.26 -14.26 -9.22
N LEU A 180 1.15 -13.79 -10.47
CA LEU A 180 1.24 -14.69 -11.63
C LEU A 180 2.55 -14.51 -12.39
N GLY A 181 3.15 -13.34 -12.24
CA GLY A 181 4.43 -13.10 -12.88
C GLY A 181 4.98 -11.74 -12.53
N SER A 182 6.17 -11.44 -13.03
CA SER A 182 6.83 -10.18 -12.72
C SER A 182 7.96 -9.97 -13.70
N PHE A 183 8.54 -8.77 -13.71
CA PHE A 183 9.75 -8.56 -14.49
C PHE A 183 10.64 -7.50 -13.85
N GLU A 184 11.90 -7.54 -14.22
CA GLU A 184 12.94 -6.73 -13.60
C GLU A 184 14.09 -6.47 -14.56
N THR A 185 15.04 -5.66 -14.10
CA THR A 185 16.26 -5.40 -14.87
C THR A 185 17.36 -5.06 -13.86
N SER A 186 18.50 -4.56 -14.33
CA SER A 186 19.59 -4.17 -13.43
C SER A 186 19.65 -2.66 -13.29
N TRP A 187 20.28 -2.17 -12.24
CA TRP A 187 20.36 -0.73 -11.98
C TRP A 187 21.44 -0.04 -12.81
N ALA A 188 22.57 -0.73 -12.98
CA ALA A 188 23.71 -0.16 -13.71
C ALA A 188 24.33 -1.18 -14.64
N GLY A 189 23.51 -1.81 -15.47
CA GLY A 189 23.99 -2.82 -16.40
C GLY A 189 24.13 -4.17 -15.71
N PRO A 190 24.32 -5.23 -16.51
CA PRO A 190 24.43 -6.61 -16.04
C PRO A 190 25.44 -6.76 -14.89
N GLY A 191 25.08 -7.55 -13.88
CA GLY A 191 25.96 -7.78 -12.76
C GLY A 191 25.74 -6.84 -11.59
N THR A 192 24.85 -5.86 -11.76
CA THR A 192 24.59 -4.88 -10.71
C THR A 192 23.27 -5.14 -9.98
N ASP A 193 22.88 -4.19 -9.12
CA ASP A 193 21.68 -4.32 -8.29
CA ASP A 193 21.69 -4.35 -8.29
C ASP A 193 20.43 -4.58 -9.12
N ARG A 194 19.52 -5.40 -8.59
CA ARG A 194 18.27 -5.67 -9.29
C ARG A 194 17.35 -4.46 -9.20
N CYS A 195 16.47 -4.35 -10.19
CA CYS A 195 15.53 -3.26 -10.29
CA CYS A 195 15.49 -3.28 -10.26
C CYS A 195 14.16 -3.80 -10.76
N ALA A 196 13.20 -3.85 -9.84
CA ALA A 196 11.87 -4.37 -10.15
C ALA A 196 11.13 -3.42 -11.08
N LEU A 197 10.46 -3.97 -12.09
CA LEU A 197 9.79 -3.17 -13.11
C LEU A 197 8.26 -3.33 -13.17
N GLY A 198 7.75 -4.47 -12.75
CA GLY A 198 6.30 -4.66 -12.76
C GLY A 198 5.90 -6.03 -12.28
N MET A 199 4.59 -6.24 -12.18
CA MET A 199 4.03 -7.46 -11.62
C MET A 199 2.67 -7.76 -12.23
N VAL A 200 2.33 -9.05 -12.27
CA VAL A 200 1.04 -9.48 -12.77
C VAL A 200 0.36 -10.27 -11.67
N THR A 201 -0.87 -9.90 -11.34
CA THR A 201 -1.63 -10.57 -10.28
C THR A 201 -3.02 -10.99 -10.75
N ALA A 202 -3.55 -12.05 -10.14
CA ALA A 202 -4.93 -12.47 -10.46
C ALA A 202 -5.90 -11.38 -10.06
N PHE A 203 -6.85 -11.10 -10.93
CA PHE A 203 -7.85 -10.09 -10.66
C PHE A 203 -9.05 -10.69 -9.94
N ALA A 204 -9.38 -10.11 -8.79
CA ALA A 204 -10.50 -10.55 -7.97
C ALA A 204 -11.78 -9.92 -8.47
N ALA A 205 -12.46 -10.63 -9.36
CA ALA A 205 -13.71 -10.15 -9.91
C ALA A 205 -14.80 -10.19 -8.85
N ASN A 206 -15.74 -9.26 -8.96
CA ASN A 206 -16.88 -9.18 -8.06
C ASN A 206 -16.48 -8.93 -6.60
N SER A 207 -15.42 -8.17 -6.41
CA SER A 207 -14.94 -7.94 -5.04
C SER A 207 -15.42 -6.61 -4.46
N ALA A 208 -15.34 -6.48 -3.15
CA ALA A 208 -15.69 -5.24 -2.46
C ALA A 208 -14.51 -4.82 -1.60
N GLU A 209 -14.25 -3.52 -1.52
CA GLU A 209 -13.18 -3.01 -0.67
C GLU A 209 -13.63 -3.01 0.78
N GLY A 210 -12.73 -3.38 1.71
CA GLY A 210 -13.11 -3.44 3.10
C GLY A 210 -13.63 -2.11 3.61
N TRP A 211 -13.02 -1.03 3.12
CA TRP A 211 -13.39 0.31 3.58
C TRP A 211 -14.82 0.63 3.19
N ASP A 212 -15.20 0.24 1.98
CA ASP A 212 -16.55 0.52 1.53
C ASP A 212 -17.58 -0.28 2.31
N MET A 213 -17.29 -1.54 2.61
CA MET A 213 -18.24 -2.35 3.37
C MET A 213 -18.40 -1.84 4.80
N ALA A 214 -17.27 -1.44 5.40
CA ALA A 214 -17.24 -0.94 6.76
C ALA A 214 -18.04 0.34 6.88
N THR A 215 -17.78 1.29 5.98
CA THR A 215 -18.47 2.58 6.07
C THR A 215 -19.97 2.41 5.81
N ALA A 216 -20.34 1.53 4.89
CA ALA A 216 -21.77 1.26 4.67
C ALA A 216 -22.41 0.73 5.95
N SER A 217 -21.72 -0.18 6.63
CA SER A 217 -22.26 -0.71 7.88
C SER A 217 -22.37 0.38 8.95
N ALA A 218 -21.35 1.23 9.04
CA ALA A 218 -21.29 2.27 10.08
C ALA A 218 -22.26 3.40 9.83
N ARG A 219 -22.84 3.45 8.64
CA ARG A 219 -23.77 4.53 8.24
C ARG A 219 -25.24 4.11 8.32
N GLU A 220 -25.49 2.82 8.54
CA GLU A 220 -26.86 2.32 8.56
C GLU A 220 -27.70 3.12 9.57
N MET A 221 -28.83 3.66 9.11
CA MET A 221 -29.62 4.53 9.96
C MET A 221 -30.42 3.75 10.99
N PHE A 222 -30.51 4.32 12.18
CA PHE A 222 -31.19 3.72 13.33
C PHE A 222 -30.64 2.34 13.69
N ALA A 223 -29.32 2.19 13.53
CA ALA A 223 -28.62 0.97 13.91
C ALA A 223 -28.02 1.10 15.32
N ASP A 224 -28.86 1.44 16.29
CA ASP A 224 -28.38 1.63 17.66
C ASP A 224 -27.99 0.31 18.32
N VAL A 225 -28.65 -0.77 17.91
CA VAL A 225 -28.25 -2.11 18.31
C VAL A 225 -27.34 -2.67 17.22
N VAL A 226 -26.04 -2.75 17.50
CA VAL A 226 -25.03 -3.09 16.50
C VAL A 226 -25.25 -4.50 15.93
N GLY A 227 -25.10 -4.62 14.62
CA GLY A 227 -25.39 -5.85 13.90
C GLY A 227 -24.28 -6.88 13.86
N SER A 228 -24.68 -8.14 13.80
CA SER A 228 -23.75 -9.26 13.82
C SER A 228 -23.19 -9.56 12.43
N ASP A 229 -23.89 -9.09 11.39
CA ASP A 229 -23.45 -9.38 10.03
C ASP A 229 -22.08 -8.79 9.73
N PHE A 230 -21.85 -7.52 10.09
CA PHE A 230 -20.50 -7.01 9.81
C PHE A 230 -19.51 -7.49 10.87
N ALA A 231 -19.97 -7.80 12.08
CA ALA A 231 -19.08 -8.44 13.05
C ALA A 231 -18.59 -9.77 12.49
N ASP A 232 -19.48 -10.49 11.83
CA ASP A 232 -19.12 -11.77 11.20
C ASP A 232 -18.01 -11.55 10.19
N GLU A 233 -18.11 -10.48 9.39
CA GLU A 233 -17.09 -10.16 8.40
C GLU A 233 -15.76 -9.74 9.03
N SER A 234 -15.84 -9.00 10.13
CA SER A 234 -14.65 -8.57 10.82
C SER A 234 -13.90 -9.77 11.39
N TYR A 235 -14.66 -10.75 11.88
CA TYR A 235 -14.05 -11.98 12.39
C TYR A 235 -13.28 -12.70 11.27
N ARG A 236 -13.93 -12.86 10.13
CA ARG A 236 -13.29 -13.50 8.98
C ARG A 236 -12.07 -12.72 8.48
N LEU A 237 -12.11 -11.40 8.57
CA LEU A 237 -10.96 -10.59 8.22
C LEU A 237 -9.81 -10.83 9.22
N GLY A 238 -10.14 -10.94 10.50
CA GLY A 238 -9.15 -11.30 11.50
C GLY A 238 -8.52 -12.65 11.18
N ASN A 239 -9.34 -13.63 10.80
CA ASN A 239 -8.84 -14.92 10.34
C ASN A 239 -7.79 -14.74 9.24
N ALA A 240 -8.14 -13.93 8.25
CA ALA A 240 -7.28 -13.70 7.07
C ALA A 240 -5.95 -13.05 7.42
N VAL A 241 -5.96 -12.00 8.24
CA VAL A 241 -4.71 -11.31 8.59
C VAL A 241 -3.79 -12.25 9.37
N ALA A 242 -4.35 -13.02 10.30
CA ALA A 242 -3.53 -13.93 11.10
C ALA A 242 -2.94 -15.03 10.22
N SER A 243 -3.69 -15.47 9.22
CA SER A 243 -3.20 -16.52 8.33
C SER A 243 -2.01 -16.00 7.50
N VAL A 244 -2.17 -14.80 6.94
CA VAL A 244 -1.09 -14.15 6.23
C VAL A 244 0.16 -14.00 7.14
N HIS A 245 -0.02 -13.47 8.34
CA HIS A 245 1.11 -13.38 9.27
C HIS A 245 1.78 -14.73 9.54
N ALA A 246 0.98 -15.78 9.70
CA ALA A 246 1.54 -17.10 10.01
C ALA A 246 2.40 -17.59 8.85
N THR A 247 1.91 -17.43 7.63
CA THR A 247 2.68 -17.86 6.46
C THR A 247 4.00 -17.08 6.35
N LEU A 248 3.96 -15.77 6.59
CA LEU A 248 5.16 -14.96 6.50
C LEU A 248 6.16 -15.31 7.61
N ALA A 249 5.64 -15.62 8.80
CA ALA A 249 6.53 -15.96 9.92
C ALA A 249 7.29 -17.23 9.61
N GLU A 250 6.58 -18.20 9.06
CA GLU A 250 7.21 -19.47 8.77
C GLU A 250 8.27 -19.33 7.67
N ALA A 251 7.94 -18.59 6.63
CA ALA A 251 8.86 -18.47 5.49
C ALA A 251 10.07 -17.60 5.82
N LEU A 252 9.82 -16.43 6.40
CA LEU A 252 10.87 -15.43 6.53
C LEU A 252 11.33 -15.22 7.99
N GLY A 253 10.83 -16.04 8.91
CA GLY A 253 11.36 -16.13 10.26
C GLY A 253 10.82 -15.12 11.26
N THR A 254 11.20 -15.32 12.52
CA THR A 254 10.86 -14.34 13.56
C THR A 254 12.11 -14.04 14.36
N SER A 255 12.09 -12.93 15.06
CA SER A 255 13.22 -12.57 15.92
C SER A 255 12.68 -11.70 17.03
N THR A 256 13.56 -11.31 17.94
CA THR A 256 13.17 -10.47 19.08
CA THR A 256 13.13 -10.43 19.04
C THR A 256 13.96 -9.16 19.07
N GLU A 257 13.29 -8.05 19.34
CA GLU A 257 13.92 -6.73 19.46
C GLU A 257 13.30 -5.98 20.65
N PRO A 258 14.03 -4.99 21.19
CA PRO A 258 13.36 -4.11 22.18
C PRO A 258 12.28 -3.27 21.52
N PHE A 259 11.21 -2.96 22.27
CA PHE A 259 10.19 -2.05 21.75
C PHE A 259 10.87 -0.73 21.35
N PRO A 260 10.48 -0.16 20.21
CA PRO A 260 11.25 0.98 19.68
C PRO A 260 10.86 2.32 20.30
N VAL A 261 11.19 2.50 21.58
CA VAL A 261 10.82 3.71 22.30
C VAL A 261 11.36 4.97 21.63
N ASP A 262 12.62 4.94 21.22
CA ASP A 262 13.21 6.17 20.68
C ASP A 262 12.58 6.54 19.34
N THR A 263 12.26 5.53 18.53
CA THR A 263 11.60 5.77 17.25
C THR A 263 10.22 6.40 17.45
N VAL A 264 9.42 5.86 18.36
CA VAL A 264 8.06 6.41 18.52
C VAL A 264 8.13 7.77 19.25
N LEU A 265 9.14 7.98 20.09
CA LEU A 265 9.28 9.30 20.69
C LEU A 265 9.61 10.38 19.66
N ALA A 266 10.46 10.03 18.69
CA ALA A 266 10.87 10.98 17.67
C ALA A 266 9.66 11.37 16.82
N ARG A 267 8.83 10.38 16.54
CA ARG A 267 7.58 10.60 15.79
C ARG A 267 6.62 11.49 16.57
N LEU A 268 6.55 11.29 17.88
CA LEU A 268 5.74 12.14 18.76
C LEU A 268 6.23 13.58 18.72
N GLN A 269 7.54 13.77 18.84
CA GLN A 269 8.13 15.11 18.85
C GLN A 269 7.84 15.85 17.55
N SER A 270 7.93 15.14 16.44
CA SER A 270 7.68 15.72 15.14
C SER A 270 6.21 16.09 15.01
N ALA A 271 5.34 15.16 15.41
CA ALA A 271 3.90 15.36 15.33
C ALA A 271 3.44 16.56 16.16
N ALA A 272 3.99 16.72 17.35
CA ALA A 272 3.56 17.79 18.24
C ALA A 272 3.87 19.17 17.64
N ARG A 273 4.79 19.21 16.68
CA ARG A 273 5.10 20.46 15.99
C ARG A 273 4.09 20.81 14.90
N SER A 274 3.42 19.79 14.36
CA SER A 274 2.38 19.99 13.36
C SER A 274 1.04 20.28 14.02
N ALA A 275 0.78 19.60 15.14
CA ALA A 275 -0.47 19.74 15.86
C ALA A 275 -0.21 20.23 17.29
N PRO A 276 -0.40 21.53 17.55
CA PRO A 276 -0.20 22.14 18.87
C PRO A 276 -1.05 21.49 19.96
N GLU A 277 -2.19 20.94 19.55
CA GLU A 277 -3.10 20.27 20.47
C GLU A 277 -2.44 19.04 21.11
N LEU A 278 -1.39 18.53 20.49
CA LEU A 278 -0.68 17.35 21.02
C LEU A 278 0.18 17.66 22.24
N ALA A 279 0.62 18.92 22.38
CA ALA A 279 1.52 19.29 23.48
C ALA A 279 0.91 18.93 24.82
N GLY A 280 -0.41 19.14 24.92
CA GLY A 280 -1.14 18.84 26.14
C GLY A 280 -1.22 17.36 26.44
N ARG A 281 -0.88 16.52 25.47
CA ARG A 281 -0.92 15.08 25.68
CA ARG A 281 -0.93 15.08 25.67
C ARG A 281 0.46 14.43 25.62
N ALA A 282 1.44 15.17 25.11
CA ALA A 282 2.79 14.62 24.88
C ALA A 282 3.44 13.99 26.12
N ALA A 283 3.32 14.62 27.28
CA ALA A 283 3.93 14.06 28.49
C ALA A 283 3.33 12.69 28.80
N ALA A 284 2.01 12.60 28.73
CA ALA A 284 1.33 11.33 28.99
C ALA A 284 1.67 10.26 27.95
N VAL A 285 1.73 10.64 26.67
CA VAL A 285 2.12 9.67 25.66
C VAL A 285 3.54 9.16 25.93
N GLU A 286 4.46 10.08 26.22
CA GLU A 286 5.85 9.69 26.43
C GLU A 286 5.97 8.75 27.62
N GLU A 287 5.20 9.00 28.68
CA GLU A 287 5.20 8.15 29.86
C GLU A 287 4.85 6.72 29.50
N ARG A 288 3.80 6.53 28.70
CA ARG A 288 3.37 5.20 28.28
C ARG A 288 4.44 4.51 27.45
N TYR A 289 5.02 5.23 26.50
CA TYR A 289 6.08 4.66 25.67
C TYR A 289 7.24 4.22 26.53
N ARG A 290 7.68 5.07 27.46
CA ARG A 290 8.89 4.76 28.20
C ARG A 290 8.68 3.60 29.17
N ARG A 291 7.44 3.29 29.51
CA ARG A 291 7.12 2.14 30.35
CA ARG A 291 7.15 2.14 30.36
C ARG A 291 7.44 0.85 29.61
N LEU A 292 7.52 0.93 28.28
CA LEU A 292 7.89 -0.23 27.46
C LEU A 292 9.40 -0.33 27.18
N ASP A 293 10.20 0.52 27.83
CA ASP A 293 11.63 0.50 27.64
C ASP A 293 12.19 -0.87 28.05
N GLY A 294 12.90 -1.53 27.14
CA GLY A 294 13.48 -2.84 27.46
C GLY A 294 12.53 -4.01 27.24
N ARG A 295 11.28 -3.73 26.90
CA ARG A 295 10.32 -4.77 26.61
C ARG A 295 10.68 -5.50 25.32
N ALA A 296 10.88 -6.82 25.41
CA ALA A 296 11.20 -7.59 24.21
C ALA A 296 9.93 -7.88 23.40
N ILE A 297 9.97 -7.60 22.09
CA ILE A 297 8.83 -7.86 21.24
C ILE A 297 9.22 -8.80 20.11
N THR A 298 8.29 -9.64 19.71
CA THR A 298 8.53 -10.57 18.61
C THR A 298 8.18 -9.86 17.31
N VAL A 299 9.09 -9.95 16.34
CA VAL A 299 8.92 -9.28 15.07
C VAL A 299 9.09 -10.28 13.94
N GLN A 300 8.52 -9.94 12.79
CA GLN A 300 8.53 -10.79 11.61
C GLN A 300 8.26 -9.90 10.42
N ARG A 301 8.30 -10.46 9.20
CA ARG A 301 7.83 -9.67 8.06
C ARG A 301 6.31 -9.49 8.15
N VAL A 302 5.85 -8.27 7.88
CA VAL A 302 4.44 -7.92 7.99
C VAL A 302 3.98 -7.14 6.78
N HIS A 303 2.68 -6.80 6.75
CA HIS A 303 2.14 -6.01 5.66
C HIS A 303 2.69 -4.57 5.69
N GLY A 304 2.66 -3.93 6.84
CA GLY A 304 3.34 -2.65 6.97
C GLY A 304 2.55 -1.39 6.67
N ASP A 305 1.38 -1.54 6.04
CA ASP A 305 0.55 -0.36 5.75
C ASP A 305 -0.92 -0.82 5.71
N LEU A 306 -1.33 -1.52 6.76
CA LEU A 306 -2.58 -2.25 6.75
C LEU A 306 -3.74 -1.44 7.29
N HIS A 307 -4.79 -1.35 6.49
CA HIS A 307 -6.01 -0.69 6.87
C HIS A 307 -7.11 -1.26 5.97
N LEU A 308 -8.33 -0.77 6.13
CA LEU A 308 -9.45 -1.40 5.42
C LEU A 308 -9.41 -1.15 3.91
N GLY A 309 -8.65 -0.16 3.47
CA GLY A 309 -8.49 0.09 2.03
C GLY A 309 -7.57 -0.91 1.35
N GLN A 310 -6.90 -1.75 2.15
CA GLN A 310 -5.93 -2.74 1.63
C GLN A 310 -6.48 -4.16 1.61
N VAL A 311 -7.76 -4.33 1.88
CA VAL A 311 -8.32 -5.68 1.91
C VAL A 311 -9.54 -5.75 1.01
N LEU A 312 -9.68 -6.87 0.32
CA LEU A 312 -10.76 -7.05 -0.64
C LEU A 312 -11.58 -8.25 -0.23
N ARG A 313 -12.90 -8.14 -0.30
CA ARG A 313 -13.76 -9.30 -0.08
C ARG A 313 -14.25 -9.85 -1.42
N THR A 314 -13.75 -11.02 -1.78
CA THR A 314 -14.26 -11.76 -2.94
C THR A 314 -15.50 -12.53 -2.51
N PRO A 315 -16.18 -13.19 -3.44
CA PRO A 315 -17.29 -14.04 -2.97
C PRO A 315 -16.87 -15.10 -1.96
N ASP A 316 -15.59 -15.47 -1.93
CA ASP A 316 -15.12 -16.58 -1.10
C ASP A 316 -14.24 -16.20 0.09
N ASP A 317 -13.42 -15.16 -0.03
CA ASP A 317 -12.46 -14.85 1.04
C ASP A 317 -12.11 -13.37 1.13
N TRP A 318 -11.49 -13.00 2.24
CA TRP A 318 -10.78 -11.73 2.31
C TRP A 318 -9.38 -11.87 1.72
N LEU A 319 -8.95 -10.91 0.92
CA LEU A 319 -7.57 -10.88 0.43
C LEU A 319 -6.86 -9.66 0.95
N LEU A 320 -5.57 -9.78 1.26
CA LEU A 320 -4.72 -8.60 1.52
C LEU A 320 -3.97 -8.21 0.25
N ILE A 321 -3.96 -6.92 -0.07
CA ILE A 321 -3.19 -6.43 -1.21
C ILE A 321 -2.24 -5.29 -0.82
N ASP A 322 -1.33 -4.97 -1.75
CA ASP A 322 -0.40 -3.85 -1.65
CA ASP A 322 -0.38 -3.84 -1.64
C ASP A 322 0.56 -3.98 -0.47
N PHE A 323 1.56 -4.84 -0.63
CA PHE A 323 2.57 -5.12 0.39
C PHE A 323 3.84 -4.26 0.22
N GLU A 324 3.72 -3.09 -0.40
CA GLU A 324 4.87 -2.23 -0.63
C GLU A 324 5.49 -1.71 0.67
N GLY A 325 4.70 -1.59 1.72
CA GLY A 325 5.23 -1.18 3.00
C GLY A 325 4.89 0.25 3.39
N GLU A 326 5.39 0.65 4.57
CA GLU A 326 5.13 1.97 5.16
C GLU A 326 5.49 3.09 4.19
N PRO A 327 4.47 3.84 3.72
CA PRO A 327 4.70 4.88 2.72
C PRO A 327 5.59 6.01 3.25
N GLY A 328 6.42 6.57 2.37
CA GLY A 328 7.37 7.59 2.78
C GLY A 328 8.66 7.04 3.40
N GLN A 329 8.73 5.73 3.58
CA GLN A 329 9.92 5.11 4.17
C GLN A 329 10.85 4.54 3.10
N PRO A 330 12.16 4.62 3.35
CA PRO A 330 13.14 4.01 2.43
C PRO A 330 13.02 2.49 2.39
N LEU A 331 13.47 1.88 1.30
CA LEU A 331 13.27 0.45 1.04
C LEU A 331 13.76 -0.45 2.18
N ASP A 332 15.00 -0.27 2.62
CA ASP A 332 15.56 -1.15 3.64
C ASP A 332 14.71 -1.13 4.89
N GLU A 333 14.17 0.04 5.22
CA GLU A 333 13.24 0.18 6.32
C GLU A 333 11.95 -0.59 6.06
N ARG A 334 11.45 -0.52 4.84
CA ARG A 334 10.20 -1.19 4.48
CA ARG A 334 10.20 -1.19 4.48
C ARG A 334 10.34 -2.72 4.47
N ARG A 335 11.57 -3.22 4.38
CA ARG A 335 11.75 -4.67 4.44
C ARG A 335 12.14 -5.14 5.83
N ARG A 336 12.24 -4.21 6.78
CA ARG A 336 12.52 -4.59 8.16
C ARG A 336 11.36 -5.38 8.76
N PRO A 337 11.66 -6.41 9.58
CA PRO A 337 10.57 -7.02 10.33
C PRO A 337 9.99 -6.05 11.37
N ASP A 338 8.74 -6.30 11.75
CA ASP A 338 8.03 -5.46 12.73
C ASP A 338 7.04 -6.34 13.50
N SER A 339 6.41 -5.78 14.53
CA SER A 339 5.44 -6.56 15.29
C SER A 339 4.17 -6.84 14.50
N PRO A 340 3.68 -8.10 14.50
CA PRO A 340 2.36 -8.32 13.90
C PRO A 340 1.29 -7.44 14.55
N LEU A 341 1.48 -7.08 15.83
CA LEU A 341 0.50 -6.25 16.53
C LEU A 341 0.38 -4.87 15.92
N ARG A 342 1.40 -4.43 15.20
CA ARG A 342 1.35 -3.11 14.59
C ARG A 342 0.40 -3.16 13.37
N ASP A 343 0.42 -4.28 12.65
CA ASP A 343 -0.58 -4.49 11.58
C ASP A 343 -2.00 -4.52 12.16
N VAL A 344 -2.19 -5.26 13.25
CA VAL A 344 -3.48 -5.33 13.93
C VAL A 344 -3.91 -3.90 14.29
N ALA A 345 -2.98 -3.14 14.87
CA ALA A 345 -3.28 -1.74 15.25
C ALA A 345 -3.76 -0.91 14.06
N GLY A 346 -3.16 -1.14 12.89
CA GLY A 346 -3.58 -0.45 11.68
C GLY A 346 -5.04 -0.72 11.37
N VAL A 347 -5.47 -1.98 11.48
CA VAL A 347 -6.87 -2.29 11.22
C VAL A 347 -7.76 -1.63 12.26
N LEU A 348 -7.33 -1.64 13.52
CA LEU A 348 -8.16 -1.04 14.55
C LEU A 348 -8.34 0.47 14.33
N ARG A 349 -7.29 1.16 13.90
CA ARG A 349 -7.38 2.61 13.56
C ARG A 349 -8.38 2.78 12.42
N SER A 350 -8.33 1.88 11.46
CA SER A 350 -9.21 1.98 10.29
C SER A 350 -10.71 1.85 10.66
N PHE A 351 -11.05 0.89 11.52
CA PHE A 351 -12.40 0.78 12.07
C PHE A 351 -12.82 2.12 12.70
N GLU A 352 -11.91 2.75 13.43
CA GLU A 352 -12.26 3.99 14.12
C GLU A 352 -12.66 5.07 13.12
N TYR A 353 -11.87 5.22 12.06
CA TYR A 353 -12.19 6.19 11.04
C TYR A 353 -13.48 5.84 10.28
N ALA A 354 -13.69 4.56 9.98
CA ALA A 354 -14.89 4.16 9.23
C ALA A 354 -16.17 4.56 9.96
N ALA A 355 -16.16 4.46 11.28
CA ALA A 355 -17.34 4.78 12.09
C ALA A 355 -17.47 6.27 12.32
N TYR A 356 -16.36 6.94 12.58
CA TYR A 356 -16.45 8.33 13.02
C TYR A 356 -16.41 9.37 11.88
N GLN A 357 -16.08 8.93 10.67
CA GLN A 357 -16.18 9.80 9.49
C GLN A 357 -17.56 10.45 9.39
N LYS A 358 -18.59 9.69 9.74
CA LYS A 358 -19.96 10.21 9.73
C LYS A 358 -20.09 11.46 10.59
N LEU A 359 -19.51 11.43 11.78
CA LEU A 359 -19.69 12.50 12.76
C LEU A 359 -18.98 13.80 12.41
N VAL A 360 -17.79 13.72 11.85
CA VAL A 360 -17.06 14.94 11.54
C VAL A 360 -17.74 15.66 10.39
N GLU A 361 -18.52 14.91 9.60
CA GLU A 361 -19.21 15.48 8.44
C GLU A 361 -20.62 16.01 8.76
N LEU A 362 -21.08 15.79 9.98
CA LEU A 362 -22.35 16.36 10.43
C LEU A 362 -22.16 17.69 11.14
N ALA A 363 -23.17 18.54 11.08
CA ALA A 363 -23.25 19.72 11.93
C ALA A 363 -23.52 19.29 13.37
N PRO A 364 -22.98 20.05 14.35
CA PRO A 364 -23.17 19.75 15.78
C PRO A 364 -24.64 19.56 16.17
N GLU A 365 -25.52 20.33 15.56
CA GLU A 365 -26.95 20.25 15.85
C GLU A 365 -27.54 18.91 15.46
N GLN A 366 -26.86 18.19 14.56
CA GLN A 366 -27.36 16.91 14.06
C GLN A 366 -27.05 15.75 15.02
N ASP A 367 -26.22 15.98 16.03
CA ASP A 367 -25.97 14.98 17.08
C ASP A 367 -25.74 15.67 18.42
N ALA A 368 -26.68 16.54 18.79
CA ALA A 368 -26.56 17.38 19.97
C ALA A 368 -26.36 16.59 21.26
N ASP A 369 -27.10 15.49 21.41
CA ASP A 369 -27.04 14.67 22.64
C ASP A 369 -26.00 13.55 22.55
N GLY A 370 -25.32 13.46 21.42
CA GLY A 370 -24.25 12.51 21.24
C GLY A 370 -24.64 11.06 21.00
N ARG A 371 -25.89 10.80 20.66
CA ARG A 371 -26.31 9.41 20.47
C ARG A 371 -25.71 8.78 19.21
N LEU A 372 -25.45 9.55 18.17
CA LEU A 372 -24.74 8.99 17.03
C LEU A 372 -23.28 8.68 17.37
N ALA A 373 -22.67 9.54 18.18
CA ALA A 373 -21.31 9.31 18.66
C ALA A 373 -21.25 8.02 19.50
N ASP A 374 -22.26 7.82 20.34
CA ASP A 374 -22.36 6.60 21.16
C ASP A 374 -22.43 5.37 20.27
N ARG A 375 -23.25 5.44 19.23
CA ARG A 375 -23.38 4.31 18.32
C ARG A 375 -22.07 4.01 17.59
N ALA A 376 -21.35 5.05 17.18
CA ALA A 376 -20.05 4.90 16.53
C ALA A 376 -19.11 4.16 17.47
N ARG A 377 -19.06 4.60 18.71
CA ARG A 377 -18.22 3.94 19.69
C ARG A 377 -18.59 2.46 19.84
N ASN A 378 -19.88 2.18 19.92
CA ASN A 378 -20.33 0.80 20.14
C ASN A 378 -19.99 -0.06 18.92
N TRP A 379 -20.11 0.55 17.74
CA TRP A 379 -19.79 -0.14 16.49
C TRP A 379 -18.30 -0.48 16.40
N VAL A 380 -17.44 0.49 16.71
CA VAL A 380 -15.99 0.23 16.72
C VAL A 380 -15.64 -0.85 17.74
N ASP A 381 -16.19 -0.76 18.94
CA ASP A 381 -15.91 -1.78 19.97
C ASP A 381 -16.29 -3.19 19.53
N ARG A 382 -17.48 -3.32 18.94
CA ARG A 382 -18.00 -4.62 18.51
C ARG A 382 -17.12 -5.22 17.40
N ASN A 383 -16.77 -4.42 16.42
CA ASN A 383 -16.05 -4.99 15.28
C ASN A 383 -14.56 -5.16 15.56
N SER A 384 -14.01 -4.31 16.43
CA SER A 384 -12.63 -4.52 16.90
C SER A 384 -12.51 -5.83 17.65
N ALA A 385 -13.48 -6.10 18.51
CA ALA A 385 -13.48 -7.34 19.30
C ALA A 385 -13.61 -8.52 18.36
N ALA A 386 -14.51 -8.40 17.39
CA ALA A 386 -14.69 -9.52 16.44
C ALA A 386 -13.39 -9.80 15.66
N PHE A 387 -12.71 -8.74 15.22
CA PHE A 387 -11.45 -8.87 14.46
C PHE A 387 -10.36 -9.54 15.30
N CYS A 388 -10.19 -9.09 16.54
CA CYS A 388 -9.18 -9.71 17.39
C CYS A 388 -9.50 -11.17 17.69
N ALA A 389 -10.79 -11.48 17.86
CA ALA A 389 -11.23 -12.86 18.11
C ALA A 389 -10.94 -13.75 16.91
N GLY A 390 -11.17 -13.23 15.71
CA GLY A 390 -10.88 -13.99 14.50
C GLY A 390 -9.39 -14.19 14.30
N TYR A 391 -8.60 -13.16 14.61
CA TYR A 391 -7.14 -13.28 14.58
C TYR A 391 -6.71 -14.37 15.55
N ALA A 392 -7.24 -14.30 16.77
CA ALA A 392 -6.93 -15.27 17.81
C ALA A 392 -7.25 -16.72 17.44
N ALA A 393 -8.36 -16.94 16.74
CA ALA A 393 -8.78 -18.28 16.38
C ALA A 393 -7.73 -18.97 15.50
N VAL A 394 -6.98 -18.18 14.73
CA VAL A 394 -5.97 -18.70 13.82
C VAL A 394 -4.60 -18.71 14.50
N ALA A 395 -4.24 -17.58 15.11
CA ALA A 395 -2.95 -17.42 15.75
C ALA A 395 -2.80 -18.25 17.04
N GLY A 396 -3.92 -18.61 17.65
CA GLY A 396 -3.91 -19.38 18.89
C GLY A 396 -3.43 -18.52 20.06
N ASP A 397 -3.39 -17.22 19.82
CA ASP A 397 -2.98 -16.25 20.81
C ASP A 397 -3.73 -14.96 20.51
N ASP A 398 -4.44 -14.42 21.49
CA ASP A 398 -5.22 -13.21 21.27
C ASP A 398 -4.28 -12.01 21.23
N PRO A 399 -4.37 -11.20 20.17
CA PRO A 399 -3.51 -10.02 20.09
C PRO A 399 -3.75 -9.05 21.27
N ARG A 400 -4.88 -9.19 21.96
CA ARG A 400 -5.16 -8.34 23.11
C ARG A 400 -4.39 -8.78 24.37
N ARG A 401 -3.80 -9.98 24.33
CA ARG A 401 -3.01 -10.48 25.47
C ARG A 401 -1.82 -9.56 25.78
N ASP A 402 -1.04 -9.22 24.76
CA ASP A 402 0.04 -8.24 24.90
C ASP A 402 -0.55 -6.86 24.69
N GLY A 403 -1.46 -6.48 25.57
CA GLY A 403 -2.29 -5.30 25.37
C GLY A 403 -1.52 -4.00 25.41
N ASP A 404 -0.44 -3.98 26.16
CA ASP A 404 0.33 -2.76 26.29
C ASP A 404 1.06 -2.46 24.98
N VAL A 405 1.64 -3.50 24.37
CA VAL A 405 2.33 -3.35 23.10
C VAL A 405 1.31 -2.95 22.02
N LEU A 406 0.18 -3.65 21.97
CA LEU A 406 -0.85 -3.32 20.98
C LEU A 406 -1.31 -1.87 21.12
N ALA A 407 -1.64 -1.49 22.34
CA ALA A 407 -2.13 -0.12 22.58
C ALA A 407 -1.08 0.93 22.24
N ALA A 408 0.20 0.62 22.48
CA ALA A 408 1.26 1.56 22.12
C ALA A 408 1.35 1.79 20.63
N TYR A 409 1.17 0.72 19.85
CA TYR A 409 1.17 0.88 18.40
C TYR A 409 -0.06 1.64 17.92
N GLU A 410 -1.20 1.41 18.55
CA GLU A 410 -2.39 2.23 18.26
C GLU A 410 -2.15 3.71 18.55
N LEU A 411 -1.52 3.97 19.68
CA LEU A 411 -1.24 5.35 20.08
C LEU A 411 -0.32 6.06 19.10
N ASP A 412 0.74 5.36 18.68
CA ASP A 412 1.70 5.91 17.74
C ASP A 412 0.99 6.25 16.42
N LYS A 413 0.07 5.37 15.97
CA LYS A 413 -0.67 5.67 14.74
C LYS A 413 -1.61 6.87 14.92
N ALA A 414 -2.27 6.96 16.08
CA ALA A 414 -3.16 8.08 16.35
C ALA A 414 -2.41 9.40 16.41
N VAL A 415 -1.21 9.39 16.99
CA VAL A 415 -0.37 10.59 17.06
C VAL A 415 -0.02 11.04 15.63
N TYR A 416 0.38 10.09 14.80
CA TYR A 416 0.70 10.36 13.42
C TYR A 416 -0.51 10.90 12.64
N GLU A 417 -1.68 10.29 12.87
CA GLU A 417 -2.95 10.75 12.29
C GLU A 417 -3.28 12.19 12.67
N ALA A 418 -3.14 12.50 13.95
CA ALA A 418 -3.44 13.85 14.42
C ALA A 418 -2.58 14.90 13.71
N ALA A 419 -1.29 14.61 13.51
CA ALA A 419 -0.42 15.53 12.80
C ALA A 419 -0.87 15.69 11.33
N TYR A 420 -1.30 14.59 10.72
CA TYR A 420 -1.81 14.65 9.35
C TYR A 420 -3.09 15.50 9.25
N GLU A 421 -4.05 15.25 10.14
CA GLU A 421 -5.32 15.98 10.09
C GLU A 421 -5.13 17.46 10.40
N ALA A 422 -4.28 17.77 11.38
CA ALA A 422 -4.00 19.16 11.70
C ALA A 422 -3.52 19.95 10.47
N ARG A 423 -2.71 19.30 9.64
CA ARG A 423 -2.17 19.96 8.45
C ARG A 423 -3.14 19.95 7.26
N PHE A 424 -3.76 18.80 6.99
CA PHE A 424 -4.48 18.58 5.73
C PHE A 424 -6.01 18.53 5.83
N ARG A 425 -6.56 18.18 7.01
CA ARG A 425 -8.00 18.07 7.20
C ARG A 425 -8.40 18.43 8.63
N PRO A 426 -8.37 19.73 8.97
CA PRO A 426 -8.59 20.16 10.35
C PRO A 426 -9.89 19.64 10.97
N SER A 427 -10.95 19.51 10.17
CA SER A 427 -12.22 19.07 10.75
C SER A 427 -12.19 17.59 11.15
N TRP A 428 -11.16 16.86 10.75
CA TRP A 428 -11.05 15.44 11.08
C TRP A 428 -10.19 15.21 12.33
N LEU A 429 -9.51 16.26 12.77
CA LEU A 429 -8.63 16.17 13.94
C LEU A 429 -9.27 15.58 15.22
N PRO A 430 -10.57 15.86 15.46
CA PRO A 430 -11.12 15.27 16.69
C PRO A 430 -11.11 13.75 16.72
N ILE A 431 -11.04 13.10 15.57
CA ILE A 431 -11.06 11.65 15.58
C ILE A 431 -9.78 11.12 16.26
N PRO A 432 -8.57 11.44 15.75
CA PRO A 432 -7.42 10.90 16.48
C PRO A 432 -7.21 11.53 17.87
N MET A 433 -7.68 12.75 18.11
CA MET A 433 -7.51 13.31 19.46
C MET A 433 -8.37 12.55 20.47
N ARG A 434 -9.60 12.19 20.07
CA ARG A 434 -10.45 11.36 20.94
C ARG A 434 -9.80 10.00 21.17
N SER A 435 -9.26 9.41 20.11
CA SER A 435 -8.60 8.12 20.22
C SER A 435 -7.43 8.18 21.19
N ILE A 436 -6.65 9.27 21.12
CA ILE A 436 -5.50 9.36 22.02
C ILE A 436 -5.91 9.32 23.49
N ASP A 437 -6.94 10.08 23.86
CA ASP A 437 -7.38 10.07 25.25
C ASP A 437 -7.92 8.70 25.65
N ARG A 438 -8.64 8.05 24.76
CA ARG A 438 -9.18 6.71 25.03
C ARG A 438 -8.04 5.69 25.16
N ILE A 439 -7.10 5.72 24.23
CA ILE A 439 -6.04 4.72 24.17
C ILE A 439 -5.08 4.90 25.35
N LEU A 440 -4.87 6.15 25.79
CA LEU A 440 -4.01 6.38 26.95
C LEU A 440 -4.52 5.58 28.15
N GLY A 441 -5.84 5.54 28.33
CA GLY A 441 -6.44 4.72 29.36
C GLY A 441 -6.32 3.22 29.08
N LYS A 442 -6.51 2.83 27.81
CA LYS A 442 -6.41 1.43 27.42
C LYS A 442 -5.00 0.92 27.70
N LEU A 443 -4.02 1.73 27.32
CA LEU A 443 -2.60 1.42 27.49
C LEU A 443 -2.22 1.42 28.96
N ALA A 444 -2.68 2.43 29.70
CA ALA A 444 -2.44 2.49 31.13
C ALA A 444 -2.94 1.22 31.83
N ALA A 445 -4.14 0.78 31.47
CA ALA A 445 -4.72 -0.43 32.06
C ALA A 445 -3.90 -1.67 31.71
N ALA A 446 -3.52 -1.78 30.45
CA ALA A 446 -2.76 -2.95 29.99
C ALA A 446 -1.39 -3.04 30.66
N LEU A 447 -0.76 -1.87 30.87
CA LEU A 447 0.56 -1.82 31.51
C LEU A 447 0.48 -2.37 32.92
N GLU A 448 -0.67 -2.19 33.56
CA GLU A 448 -0.90 -2.72 34.91
C GLU A 448 -1.50 -4.13 34.88
N HIS A 449 -1.61 -4.71 33.68
CA HIS A 449 -2.22 -6.02 33.47
C HIS A 449 -3.68 -6.08 33.95
N HIS A 450 -4.43 -5.00 33.69
CA HIS A 450 -5.83 -4.91 34.07
C HIS A 450 -6.75 -5.31 32.92
N HIS A 451 -6.18 -5.42 31.72
CA HIS A 451 -6.97 -5.80 30.55
C HIS A 451 -7.35 -7.27 30.68
N HIS A 452 -8.56 -7.59 30.23
CA HIS A 452 -9.17 -8.91 30.40
C HIS A 452 -8.22 -10.06 30.10
#